data_6BZ9
#
_entry.id   6BZ9
#
_cell.length_a   63.830
_cell.length_b   63.830
_cell.length_c   160.551
_cell.angle_alpha   90.00
_cell.angle_beta   90.00
_cell.angle_gamma   90.00
#
_symmetry.space_group_name_H-M   'P 43 21 2'
#
loop_
_entity.id
_entity.type
_entity.pdbx_description
1 polymer Caspase-1
2 polymer Caspase-1
3 polymer Ac-FLTD-CMK
4 non-polymer DI(HYDROXYETHYL)ETHER
5 water water
#
loop_
_entity_poly.entity_id
_entity_poly.type
_entity_poly.pdbx_seq_one_letter_code
_entity_poly.pdbx_strand_id
1 'polypeptide(L)'
;NPAMPTSSGSEGNVKLCSLEEAQRIWKQKSAEIYPIMDKSSRTRLALIICNEEFDSIPRRTGAEVDITGMTMLLQNLGYS
VDVKKNLTASDMTTELEAFAHRPEHKTSDSTFLVFMSHGIREGICGKKHSEQVPDILQLNAIFNMLNTKNCPSLKDKPKV
IIIQACRGDSPGVVWFKD
;
A
2 'polypeptide(L)'
;AIKKAHIEKDFIAFCSSTPDNVSWRHPTMGSVFIGRLIEHMQEYACSCDVEEIFRKVRFSFEQPDGRAQMPTTERVTLTR
CFYLFPGH
;
B
3 'polypeptide(L)' (ACE)FLTD(0QE) C
#
loop_
_chem_comp.id
_chem_comp.type
_chem_comp.name
_chem_comp.formula
0QE non-polymer chloromethane 'C H3 Cl'
ACE non-polymer 'ACETYL GROUP' 'C2 H4 O'
PEG non-polymer DI(HYDROXYETHYL)ETHER 'C4 H10 O3'
#
# COMPACT_ATOMS: atom_id res chain seq x y z
N SER A 8 4.18 -14.85 -19.75
CA SER A 8 4.71 -13.76 -20.55
C SER A 8 5.87 -13.09 -19.83
N GLY A 9 6.37 -13.75 -18.78
CA GLY A 9 7.46 -13.19 -17.99
C GLY A 9 7.08 -12.94 -16.54
N SER A 10 8.09 -13.00 -15.66
CA SER A 10 7.89 -12.77 -14.23
C SER A 10 7.26 -11.41 -13.94
N GLU A 11 7.62 -10.40 -14.70
CA GLU A 11 7.18 -9.04 -14.43
C GLU A 11 5.83 -8.70 -15.04
N GLY A 12 5.26 -9.61 -15.83
CA GLY A 12 3.92 -9.40 -16.37
C GLY A 12 3.83 -8.13 -17.18
N ASN A 13 2.84 -7.30 -16.85
CA ASN A 13 2.58 -6.04 -17.55
C ASN A 13 3.33 -4.86 -16.94
N VAL A 14 4.26 -5.09 -16.02
CA VAL A 14 5.04 -3.99 -15.46
C VAL A 14 6.18 -3.68 -16.41
N LYS A 15 6.24 -2.45 -16.91
CA LYS A 15 7.30 -2.09 -17.84
C LYS A 15 8.65 -2.20 -17.16
N LEU A 16 9.63 -2.76 -17.88
CA LEU A 16 10.93 -3.06 -17.30
C LEU A 16 11.82 -1.83 -17.25
N CYS A 17 12.66 -1.79 -16.22
CA CYS A 17 13.74 -0.82 -16.15
C CYS A 17 14.94 -1.43 -16.87
N SER A 18 15.25 -0.89 -18.05
CA SER A 18 16.41 -1.38 -18.79
C SER A 18 17.70 -1.09 -18.03
N LEU A 19 18.74 -1.84 -18.33
CA LEU A 19 19.98 -1.67 -17.59
C LEU A 19 20.61 -0.31 -17.88
N GLU A 20 20.20 0.26 -18.97
CA GLU A 20 20.66 1.55 -19.33
C GLU A 20 19.96 2.50 -18.41
N GLU A 21 18.64 2.40 -18.38
CA GLU A 21 17.84 3.27 -17.52
C GLU A 21 18.19 3.08 -16.05
N ALA A 22 18.66 1.88 -15.67
CA ALA A 22 19.01 1.68 -14.27
C ALA A 22 20.30 2.39 -13.91
N GLN A 23 21.25 2.48 -14.84
CA GLN A 23 22.51 3.15 -14.56
C GLN A 23 22.38 4.67 -14.61
N ARG A 24 21.46 5.19 -15.42
CA ARG A 24 21.20 6.63 -15.43
C ARG A 24 20.58 7.10 -14.12
N ILE A 25 19.70 6.30 -13.54
CA ILE A 25 19.15 6.60 -12.22
C ILE A 25 20.23 6.43 -11.16
N TRP A 26 21.05 5.39 -11.31
CA TRP A 26 21.92 4.95 -10.21
C TRP A 26 23.05 5.93 -9.92
N LYS A 27 23.60 6.58 -10.93
CA LYS A 27 24.68 7.50 -10.59
C LYS A 27 24.23 8.96 -10.57
N GLN A 28 22.99 9.24 -10.95
CA GLN A 28 22.42 10.56 -10.71
C GLN A 28 22.23 10.79 -9.22
N LYS A 29 21.31 10.05 -8.61
CA LYS A 29 21.02 10.20 -7.19
C LYS A 29 21.58 9.03 -6.39
N SER A 30 22.88 8.76 -6.54
CA SER A 30 23.47 7.51 -6.03
C SER A 30 23.27 7.37 -4.53
N ALA A 31 23.78 8.33 -3.76
CA ALA A 31 23.72 8.25 -2.30
C ALA A 31 22.34 8.59 -1.75
N GLU A 32 21.33 8.75 -2.61
CA GLU A 32 19.99 9.10 -2.17
C GLU A 32 18.95 8.07 -2.59
N ILE A 33 19.38 6.83 -2.87
CA ILE A 33 18.49 5.76 -3.29
C ILE A 33 18.61 4.60 -2.31
N TYR A 34 17.47 3.98 -1.97
CA TYR A 34 17.50 2.79 -1.13
C TYR A 34 18.19 1.65 -1.87
N PRO A 35 19.08 0.90 -1.20
CA PRO A 35 19.81 -0.16 -1.90
C PRO A 35 18.93 -1.38 -2.16
N ILE A 36 19.20 -2.04 -3.27
CA ILE A 36 18.46 -3.22 -3.67
C ILE A 36 19.35 -4.45 -3.49
N MET A 37 18.78 -5.52 -2.97
CA MET A 37 19.55 -6.74 -2.77
C MET A 37 19.64 -7.54 -4.07
N ASP A 38 20.65 -8.41 -4.14
CA ASP A 38 20.83 -9.30 -5.28
C ASP A 38 19.56 -10.09 -5.53
N LYS A 39 19.12 -10.11 -6.79
CA LYS A 39 17.88 -10.80 -7.13
C LYS A 39 17.98 -12.30 -6.94
N SER A 40 19.20 -12.85 -6.99
CA SER A 40 19.39 -14.30 -6.90
C SER A 40 19.11 -14.85 -5.51
N SER A 41 19.24 -14.03 -4.47
CA SER A 41 19.18 -14.53 -3.10
C SER A 41 18.17 -13.81 -2.21
N ARG A 42 17.65 -12.67 -2.63
CA ARG A 42 16.76 -11.91 -1.75
C ARG A 42 15.41 -12.58 -1.64
N THR A 43 14.74 -12.37 -0.48
CA THR A 43 13.47 -13.02 -0.16
C THR A 43 12.43 -11.95 0.20
N ARG A 44 11.95 -11.22 -0.81
CA ARG A 44 10.97 -10.15 -0.59
C ARG A 44 9.60 -10.71 -0.24
N LEU A 45 8.94 -10.10 0.75
CA LEU A 45 7.59 -10.48 1.17
C LEU A 45 6.65 -9.29 1.09
N ALA A 46 5.38 -9.59 0.78
CA ALA A 46 4.30 -8.61 0.88
C ALA A 46 3.07 -9.27 1.49
N LEU A 47 2.20 -8.46 2.08
CA LEU A 47 1.01 -8.96 2.76
C LEU A 47 -0.20 -8.18 2.27
N ILE A 48 -1.25 -8.89 1.88
CA ILE A 48 -2.52 -8.27 1.51
C ILE A 48 -3.57 -8.77 2.49
N ILE A 49 -4.26 -7.85 3.16
CA ILE A 49 -5.41 -8.17 4.00
C ILE A 49 -6.64 -7.54 3.35
N CYS A 50 -7.64 -8.36 3.01
CA CYS A 50 -8.83 -7.84 2.35
C CYS A 50 -10.07 -8.40 3.01
N ASN A 51 -10.95 -7.52 3.47
CA ASN A 51 -12.23 -7.89 4.04
C ASN A 51 -13.32 -7.57 3.03
N GLU A 52 -14.09 -8.59 2.64
CA GLU A 52 -15.18 -8.43 1.70
C GLU A 52 -16.54 -8.79 2.29
N GLU A 53 -16.64 -9.87 3.05
CA GLU A 53 -17.89 -10.26 3.67
C GLU A 53 -17.89 -9.94 5.16
N PHE A 54 -18.93 -9.22 5.59
CA PHE A 54 -19.03 -8.65 6.92
C PHE A 54 -20.29 -9.14 7.61
N ASP A 55 -20.26 -9.13 8.94
CA ASP A 55 -21.41 -9.61 9.71
C ASP A 55 -22.56 -8.61 9.69
N SER A 56 -22.27 -7.32 9.59
CA SER A 56 -23.32 -6.30 9.69
C SER A 56 -23.21 -5.20 8.66
N ILE A 57 -22.18 -5.19 7.82
CA ILE A 57 -21.89 -4.13 6.87
C ILE A 57 -22.07 -4.70 5.47
N PRO A 58 -22.46 -3.91 4.47
CA PRO A 58 -22.66 -4.45 3.12
C PRO A 58 -21.41 -5.10 2.55
N ARG A 59 -21.65 -6.12 1.72
CA ARG A 59 -20.56 -6.85 1.08
C ARG A 59 -19.83 -5.96 0.09
N ARG A 60 -18.50 -6.01 0.11
CA ARG A 60 -17.68 -5.22 -0.79
C ARG A 60 -17.49 -6.01 -2.09
N THR A 61 -18.50 -5.94 -2.95
CA THR A 61 -18.39 -6.59 -4.25
C THR A 61 -17.36 -5.87 -5.11
N GLY A 62 -16.59 -6.65 -5.87
CA GLY A 62 -15.45 -6.12 -6.59
C GLY A 62 -14.13 -6.31 -5.88
N ALA A 63 -14.16 -6.68 -4.60
CA ALA A 63 -12.92 -6.87 -3.85
C ALA A 63 -12.02 -7.93 -4.49
N GLU A 64 -12.60 -8.96 -5.10
CA GLU A 64 -11.78 -10.02 -5.69
C GLU A 64 -10.96 -9.49 -6.87
N VAL A 65 -11.48 -8.49 -7.58
CA VAL A 65 -10.72 -7.84 -8.65
C VAL A 65 -9.51 -7.13 -8.05
N ASP A 66 -9.70 -6.43 -6.93
CA ASP A 66 -8.59 -5.76 -6.25
C ASP A 66 -7.53 -6.75 -5.78
N ILE A 67 -7.96 -7.88 -5.21
CA ILE A 67 -7.00 -8.88 -4.75
C ILE A 67 -6.19 -9.41 -5.92
N THR A 68 -6.87 -9.78 -7.00
CA THR A 68 -6.19 -10.28 -8.18
C THR A 68 -5.16 -9.28 -8.70
N GLY A 69 -5.60 -8.03 -8.88
CA GLY A 69 -4.70 -7.03 -9.43
C GLY A 69 -3.50 -6.74 -8.55
N MET A 70 -3.74 -6.57 -7.24
CA MET A 70 -2.62 -6.22 -6.37
C MET A 70 -1.69 -7.41 -6.14
N THR A 71 -2.23 -8.63 -6.05
CA THR A 71 -1.38 -9.80 -5.90
C THR A 71 -0.45 -9.95 -7.09
N MET A 72 -1.00 -9.84 -8.31
CA MET A 72 -0.17 -10.00 -9.48
C MET A 72 0.83 -8.87 -9.61
N LEU A 73 0.41 -7.64 -9.29
CA LEU A 73 1.33 -6.49 -9.33
C LEU A 73 2.52 -6.72 -8.41
N LEU A 74 2.26 -7.10 -7.16
CA LEU A 74 3.33 -7.24 -6.18
C LEU A 74 4.26 -8.40 -6.54
N GLN A 75 3.70 -9.49 -7.08
CA GLN A 75 4.54 -10.56 -7.60
C GLN A 75 5.41 -10.07 -8.76
N ASN A 76 4.82 -9.28 -9.65
CA ASN A 76 5.54 -8.70 -10.78
C ASN A 76 6.75 -7.89 -10.31
N LEU A 77 6.59 -7.15 -9.20
CA LEU A 77 7.67 -6.35 -8.64
C LEU A 77 8.64 -7.16 -7.79
N GLY A 78 8.43 -8.46 -7.66
CA GLY A 78 9.38 -9.36 -7.01
C GLY A 78 9.01 -9.82 -5.61
N TYR A 79 7.78 -9.57 -5.15
CA TYR A 79 7.38 -9.91 -3.79
C TYR A 79 6.62 -11.24 -3.76
N SER A 80 6.91 -12.05 -2.73
CA SER A 80 6.08 -13.21 -2.41
C SER A 80 4.90 -12.74 -1.57
N VAL A 81 3.68 -13.04 -2.02
CA VAL A 81 2.48 -12.36 -1.52
C VAL A 81 1.67 -13.34 -0.69
N ASP A 82 1.42 -12.99 0.57
CA ASP A 82 0.46 -13.69 1.41
C ASP A 82 -0.86 -12.92 1.33
N VAL A 83 -1.97 -13.62 1.14
CA VAL A 83 -3.29 -12.99 1.07
C VAL A 83 -4.15 -13.55 2.19
N LYS A 84 -4.65 -12.68 3.06
CA LYS A 84 -5.51 -13.06 4.17
C LYS A 84 -6.85 -12.35 4.01
N LYS A 85 -7.95 -13.06 4.22
CA LYS A 85 -9.27 -12.50 3.93
C LYS A 85 -10.20 -12.61 5.13
N ASN A 86 -11.06 -11.59 5.29
CA ASN A 86 -12.19 -11.59 6.21
C ASN A 86 -11.74 -11.83 7.66
N LEU A 87 -11.00 -10.84 8.18
CA LEU A 87 -10.43 -10.89 9.50
C LEU A 87 -11.06 -9.84 10.41
N THR A 88 -11.21 -10.19 11.69
CA THR A 88 -11.47 -9.17 12.70
C THR A 88 -10.22 -8.32 12.92
N ALA A 89 -10.39 -7.19 13.60
CA ALA A 89 -9.23 -6.35 13.88
C ALA A 89 -8.20 -7.09 14.71
N SER A 90 -8.67 -7.91 15.66
CA SER A 90 -7.77 -8.73 16.46
C SER A 90 -7.01 -9.74 15.58
N ASP A 91 -7.69 -10.36 14.62
CA ASP A 91 -7.01 -11.27 13.70
C ASP A 91 -5.97 -10.54 12.86
N MET A 92 -6.30 -9.32 12.41
CA MET A 92 -5.35 -8.51 11.64
C MET A 92 -4.09 -8.22 12.44
N THR A 93 -4.26 -7.90 13.73
CA THR A 93 -3.12 -7.70 14.61
C THR A 93 -2.26 -8.97 14.72
N THR A 94 -2.90 -10.11 14.93
CA THR A 94 -2.16 -11.37 15.00
C THR A 94 -1.40 -11.63 13.71
N GLU A 95 -2.03 -11.36 12.57
CA GLU A 95 -1.37 -11.63 11.28
C GLU A 95 -0.24 -10.65 11.02
N LEU A 96 -0.41 -9.38 11.40
CA LEU A 96 0.67 -8.42 11.25
C LEU A 96 1.87 -8.75 12.13
N GLU A 97 1.61 -9.18 13.36
CA GLU A 97 2.71 -9.59 14.23
C GLU A 97 3.44 -10.80 13.64
N ALA A 98 2.68 -11.75 13.08
CA ALA A 98 3.31 -12.90 12.45
C ALA A 98 4.10 -12.49 11.22
N PHE A 99 3.56 -11.57 10.41
CA PHE A 99 4.30 -11.05 9.25
C PHE A 99 5.59 -10.37 9.67
N ALA A 100 5.54 -9.56 10.73
CA ALA A 100 6.74 -8.88 11.22
C ALA A 100 7.81 -9.84 11.68
N HIS A 101 7.43 -11.03 12.12
CA HIS A 101 8.38 -12.02 12.65
C HIS A 101 8.97 -12.93 11.58
N ARG A 102 8.59 -12.78 10.33
CA ARG A 102 9.01 -13.72 9.29
C ARG A 102 10.51 -13.61 9.05
N PRO A 103 11.24 -14.74 9.03
CA PRO A 103 12.70 -14.67 8.83
C PRO A 103 13.12 -14.15 7.47
N GLU A 104 12.24 -14.22 6.47
CA GLU A 104 12.57 -13.71 5.14
C GLU A 104 12.92 -12.22 5.13
N HIS A 105 12.37 -11.44 6.06
CA HIS A 105 12.64 -10.00 6.05
C HIS A 105 14.12 -9.72 6.21
N LYS A 106 14.88 -10.60 6.88
CA LYS A 106 16.29 -10.32 7.08
C LYS A 106 17.07 -10.35 5.77
N THR A 107 16.64 -11.15 4.80
CA THR A 107 17.27 -11.21 3.49
C THR A 107 16.39 -10.54 2.42
N SER A 108 15.59 -9.57 2.84
CA SER A 108 14.81 -8.71 1.96
C SER A 108 15.31 -7.28 2.06
N ASP A 109 14.89 -6.46 1.09
CA ASP A 109 15.29 -5.06 1.06
C ASP A 109 14.14 -4.08 1.24
N SER A 110 12.91 -4.55 1.43
CA SER A 110 11.71 -3.70 1.38
C SER A 110 10.49 -4.58 1.67
N THR A 111 9.33 -3.93 1.90
CA THR A 111 8.09 -4.69 1.98
C THR A 111 6.92 -3.79 1.58
N PHE A 112 5.83 -4.43 1.17
CA PHE A 112 4.54 -3.80 0.93
C PHE A 112 3.47 -4.46 1.80
N LEU A 113 2.58 -3.65 2.36
CA LEU A 113 1.41 -4.12 3.08
C LEU A 113 0.20 -3.42 2.48
N VAL A 114 -0.83 -4.17 2.11
CA VAL A 114 -2.04 -3.63 1.50
C VAL A 114 -3.25 -4.02 2.34
N PHE A 115 -4.07 -3.03 2.72
CA PHE A 115 -5.29 -3.24 3.49
C PHE A 115 -6.47 -2.74 2.66
N MET A 116 -7.51 -3.55 2.55
CA MET A 116 -8.70 -3.19 1.79
C MET A 116 -9.93 -3.59 2.58
N SER A 117 -10.76 -2.62 2.92
CA SER A 117 -11.91 -2.88 3.77
C SER A 117 -12.84 -1.67 3.75
N HIS A 118 -13.97 -1.79 4.44
CA HIS A 118 -14.65 -0.60 4.88
C HIS A 118 -13.77 0.14 5.88
N GLY A 119 -14.03 1.43 6.04
CA GLY A 119 -13.30 2.22 7.00
C GLY A 119 -14.12 3.37 7.52
N ILE A 120 -13.64 3.94 8.62
CA ILE A 120 -14.19 5.15 9.20
C ILE A 120 -13.04 6.11 9.45
N ARG A 121 -13.35 7.27 10.05
CA ARG A 121 -12.30 8.26 10.30
C ARG A 121 -11.17 7.65 11.13
N GLU A 122 -11.53 6.84 12.13
CA GLU A 122 -10.54 6.32 13.06
C GLU A 122 -9.70 5.20 12.43
N GLY A 123 -10.24 4.43 11.49
CA GLY A 123 -9.38 3.41 10.89
C GLY A 123 -10.16 2.37 10.09
N ILE A 124 -9.58 1.16 10.03
CA ILE A 124 -10.00 0.08 9.14
C ILE A 124 -10.96 -0.86 9.86
N CYS A 125 -12.05 -1.25 9.19
CA CYS A 125 -13.06 -2.12 9.79
C CYS A 125 -12.71 -3.59 9.69
N GLY A 126 -12.87 -4.30 10.82
CA GLY A 126 -12.82 -5.74 10.82
C GLY A 126 -14.15 -6.35 10.41
N LYS A 127 -14.14 -7.67 10.23
CA LYS A 127 -15.29 -8.34 9.64
C LYS A 127 -16.54 -8.25 10.52
N LYS A 128 -16.39 -8.02 11.82
CA LYS A 128 -17.55 -7.98 12.73
C LYS A 128 -17.92 -6.57 13.15
N HIS A 129 -17.41 -5.55 12.46
CA HIS A 129 -17.64 -4.18 12.89
C HIS A 129 -19.12 -3.83 12.84
N SER A 130 -19.55 -3.05 13.83
CA SER A 130 -20.88 -2.45 13.84
C SER A 130 -20.80 -1.13 14.60
N GLU A 131 -21.83 -0.31 14.43
CA GLU A 131 -21.88 0.95 15.17
C GLU A 131 -21.96 0.70 16.67
N GLN A 132 -22.73 -0.31 17.07
CA GLN A 132 -22.86 -0.62 18.49
C GLN A 132 -21.63 -1.31 19.06
N VAL A 133 -20.96 -2.14 18.25
CA VAL A 133 -19.76 -2.85 18.70
C VAL A 133 -18.65 -2.62 17.66
N PRO A 134 -17.90 -1.52 17.75
CA PRO A 134 -16.86 -1.27 16.75
C PRO A 134 -15.75 -2.33 16.78
N ASP A 135 -15.14 -2.52 15.61
CA ASP A 135 -14.10 -3.52 15.37
C ASP A 135 -13.13 -2.85 14.39
N ILE A 136 -12.15 -2.13 14.93
CA ILE A 136 -11.37 -1.15 14.17
C ILE A 136 -9.88 -1.36 14.40
N LEU A 137 -9.13 -1.42 13.31
CA LEU A 137 -7.67 -1.37 13.33
C LEU A 137 -7.21 0.04 12.93
N GLN A 138 -6.47 0.70 13.82
CA GLN A 138 -5.94 2.03 13.56
C GLN A 138 -4.65 1.96 12.76
N LEU A 139 -4.47 2.92 11.85
CA LEU A 139 -3.22 3.01 11.11
C LEU A 139 -2.03 3.11 12.05
N ASN A 140 -2.22 3.75 13.20
CA ASN A 140 -1.15 3.89 14.19
C ASN A 140 -0.64 2.52 14.65
N ALA A 141 -1.55 1.55 14.82
CA ALA A 141 -1.13 0.23 15.27
C ALA A 141 -0.32 -0.49 14.19
N ILE A 142 -0.68 -0.28 12.93
CA ILE A 142 0.06 -0.87 11.81
C ILE A 142 1.50 -0.37 11.81
N PHE A 143 1.70 0.94 11.91
CA PHE A 143 3.04 1.50 11.99
C PHE A 143 3.81 0.93 13.18
N ASN A 144 3.17 0.88 14.34
CA ASN A 144 3.86 0.39 15.55
C ASN A 144 4.33 -1.05 15.38
N MET A 145 3.53 -1.88 14.70
CA MET A 145 3.87 -3.30 14.59
C MET A 145 5.01 -3.55 13.62
N LEU A 146 5.30 -2.59 12.73
CA LEU A 146 6.30 -2.73 11.69
C LEU A 146 7.52 -1.85 11.92
N ASN A 147 7.61 -1.17 13.07
CA ASN A 147 8.71 -0.23 13.25
C ASN A 147 9.99 -0.96 13.69
N THR A 148 11.03 -0.17 13.97
CA THR A 148 12.35 -0.75 14.24
C THR A 148 12.37 -1.59 15.51
N LYS A 149 11.52 -1.24 16.48
CA LYS A 149 11.48 -2.00 17.72
C LYS A 149 10.75 -3.32 17.54
N ASN A 150 9.61 -3.31 16.85
CA ASN A 150 8.78 -4.50 16.72
C ASN A 150 9.07 -5.31 15.47
N CYS A 151 9.79 -4.73 14.52
CA CYS A 151 10.23 -5.46 13.33
C CYS A 151 11.66 -5.03 13.02
N PRO A 152 12.62 -5.45 13.85
CA PRO A 152 14.03 -5.08 13.61
C PRO A 152 14.57 -5.57 12.28
N SER A 153 13.99 -6.63 11.71
CA SER A 153 14.47 -7.15 10.43
C SER A 153 14.26 -6.17 9.30
N LEU A 154 13.32 -5.24 9.43
CA LEU A 154 13.07 -4.25 8.39
C LEU A 154 13.70 -2.90 8.69
N LYS A 155 14.61 -2.83 9.67
CA LYS A 155 15.31 -1.59 9.94
C LYS A 155 16.03 -1.10 8.70
N ASP A 156 15.87 0.20 8.40
CA ASP A 156 16.48 0.92 7.28
C ASP A 156 15.90 0.52 5.93
N LYS A 157 14.83 -0.29 5.89
CA LYS A 157 14.27 -0.72 4.62
C LYS A 157 12.90 -0.08 4.40
N PRO A 158 12.58 0.29 3.16
CA PRO A 158 11.28 0.94 2.89
C PRO A 158 10.10 0.03 3.19
N LYS A 159 9.11 0.57 3.90
CA LYS A 159 7.88 -0.16 4.22
C LYS A 159 6.73 0.65 3.65
N VAL A 160 6.08 0.11 2.61
CA VAL A 160 5.02 0.82 1.87
C VAL A 160 3.68 0.24 2.29
N ILE A 161 2.79 1.10 2.78
CA ILE A 161 1.48 0.69 3.27
C ILE A 161 0.44 1.31 2.34
N ILE A 162 -0.42 0.48 1.77
CA ILE A 162 -1.50 0.91 0.87
C ILE A 162 -2.82 0.61 1.54
N ILE A 163 -3.72 1.60 1.58
CA ILE A 163 -5.02 1.43 2.25
C ILE A 163 -6.14 1.87 1.33
N GLN A 164 -7.01 0.93 0.96
CA GLN A 164 -8.27 1.21 0.27
C GLN A 164 -9.38 1.12 1.30
N ALA A 165 -9.99 2.27 1.64
CA ALA A 165 -11.05 2.32 2.63
C ALA A 165 -11.61 3.74 2.70
N CYS A 166 -12.88 3.85 3.06
CA CYS A 166 -13.41 5.17 3.38
C CYS A 166 -12.75 5.69 4.65
N ARG A 167 -12.65 7.01 4.75
CA ARG A 167 -12.12 7.66 5.94
C ARG A 167 -13.18 8.50 6.65
N GLY A 168 -14.45 8.18 6.44
CA GLY A 168 -15.56 8.98 6.91
C GLY A 168 -16.69 8.91 5.90
N ASP A 169 -17.76 9.66 6.13
CA ASP A 169 -18.99 9.55 5.38
C ASP A 169 -19.19 10.65 4.35
N SER A 170 -18.24 11.63 4.26
CA SER A 170 -18.50 12.83 3.47
C SER A 170 -18.08 12.64 2.00
N PRO A 171 -18.76 13.34 1.09
CA PRO A 171 -18.46 13.18 -0.34
C PRO A 171 -17.15 13.77 -0.77
N GLY A 172 -16.51 14.62 0.04
CA GLY A 172 -15.20 15.12 -0.31
C GLY A 172 -15.17 16.27 -1.30
N VAL A 173 -16.27 17.03 -1.42
CA VAL A 173 -16.38 18.07 -2.43
C VAL A 173 -16.99 19.34 -1.83
N VAL A 174 -16.74 20.45 -2.53
CA VAL A 174 -17.45 21.70 -2.27
C VAL A 174 -17.76 22.33 -3.63
N TRP A 175 -18.82 23.15 -3.68
CA TRP A 175 -19.19 23.83 -4.91
C TRP A 175 -18.49 25.18 -5.04
N PHE A 176 -18.21 25.57 -6.29
CA PHE A 176 -17.76 26.92 -6.60
C PHE A 176 -18.42 27.37 -7.89
N LYS A 177 -18.46 28.69 -8.09
CA LYS A 177 -19.15 29.28 -9.21
C LYS A 177 -18.19 29.38 -10.40
N ASP A 178 -18.55 28.71 -11.49
CA ASP A 178 -17.69 28.65 -12.67
C ASP A 178 -17.70 29.97 -13.44
N ALA B 1 28.86 -4.07 21.22
CA ALA B 1 28.25 -2.90 21.86
C ALA B 1 26.87 -2.64 21.26
N ILE B 2 26.18 -1.65 21.82
CA ILE B 2 24.84 -1.29 21.36
C ILE B 2 24.89 0.11 20.76
N LYS B 3 23.97 0.37 19.85
CA LYS B 3 23.83 1.65 19.18
C LYS B 3 22.35 2.01 19.11
N LYS B 4 22.08 3.30 19.02
CA LYS B 4 20.71 3.81 18.93
C LYS B 4 20.25 3.88 17.47
N ALA B 5 19.01 3.47 17.24
CA ALA B 5 18.37 3.63 15.93
C ALA B 5 17.07 4.37 16.11
N HIS B 6 16.67 5.12 15.09
CA HIS B 6 15.34 5.72 15.09
C HIS B 6 14.28 4.65 15.24
N ILE B 7 13.28 4.89 16.08
CA ILE B 7 12.26 3.87 16.27
C ILE B 7 11.34 3.77 15.06
N GLU B 8 11.11 4.88 14.36
CA GLU B 8 10.20 4.95 13.22
C GLU B 8 10.90 5.66 12.09
N LYS B 9 11.17 4.94 11.00
CA LYS B 9 11.87 5.52 9.84
C LYS B 9 11.60 4.62 8.64
N ASP B 10 11.70 5.21 7.44
CA ASP B 10 11.59 4.51 6.16
C ASP B 10 10.17 3.96 5.91
N PHE B 11 9.15 4.69 6.36
CA PHE B 11 7.76 4.39 6.06
C PHE B 11 7.18 5.36 5.01
N ILE B 12 6.21 4.87 4.24
CA ILE B 12 5.27 5.73 3.52
C ILE B 12 3.91 5.01 3.49
N ALA B 13 2.83 5.75 3.76
CA ALA B 13 1.51 5.19 3.59
C ALA B 13 0.76 6.00 2.53
N PHE B 14 -0.08 5.30 1.78
CA PHE B 14 -0.88 5.91 0.69
C PHE B 14 -2.32 5.47 0.91
N CYS B 15 -3.20 6.42 1.21
CA CYS B 15 -4.61 6.18 1.48
C CYS B 15 -5.47 6.59 0.28
N SER B 16 -6.61 5.92 0.12
CA SER B 16 -7.43 6.11 -1.08
C SER B 16 -8.21 7.42 -1.09
N SER B 17 -8.34 8.10 0.05
CA SER B 17 -9.05 9.39 0.06
C SER B 17 -8.48 10.26 1.18
N THR B 18 -8.99 11.49 1.27
CA THR B 18 -8.59 12.38 2.35
C THR B 18 -9.41 12.13 3.60
N PRO B 19 -8.91 12.52 4.78
CA PRO B 19 -9.66 12.30 6.01
C PRO B 19 -11.07 12.89 5.95
N ASP B 20 -12.03 12.14 6.50
CA ASP B 20 -13.46 12.39 6.59
C ASP B 20 -14.23 11.95 5.35
N ASN B 21 -13.55 11.52 4.28
CA ASN B 21 -14.21 11.42 2.98
C ASN B 21 -14.20 9.99 2.44
N VAL B 22 -15.16 9.71 1.56
CA VAL B 22 -15.39 8.35 1.08
C VAL B 22 -14.37 7.99 -0.01
N SER B 23 -14.20 6.68 -0.21
CA SER B 23 -13.50 6.12 -1.37
C SER B 23 -14.45 5.22 -2.15
N TRP B 24 -14.26 5.17 -3.48
CA TRP B 24 -15.24 4.56 -4.36
C TRP B 24 -14.79 3.19 -4.88
N ARG B 25 -15.77 2.35 -5.21
CA ARG B 25 -15.51 0.99 -5.68
C ARG B 25 -16.61 0.58 -6.63
N HIS B 26 -16.26 -0.23 -7.63
CA HIS B 26 -17.20 -0.75 -8.61
C HIS B 26 -17.24 -2.27 -8.55
N PRO B 27 -18.43 -2.87 -8.69
CA PRO B 27 -18.54 -4.33 -8.48
C PRO B 27 -17.82 -5.14 -9.54
N THR B 28 -17.63 -4.61 -10.73
CA THR B 28 -17.02 -5.32 -11.84
C THR B 28 -15.60 -4.85 -12.13
N MET B 29 -15.35 -3.56 -11.98
CA MET B 29 -14.02 -3.01 -12.26
C MET B 29 -13.15 -2.87 -11.01
N GLY B 30 -13.69 -3.09 -9.82
CA GLY B 30 -12.91 -2.98 -8.60
C GLY B 30 -12.88 -1.58 -8.03
N SER B 31 -11.98 -1.40 -7.06
CA SER B 31 -11.79 -0.10 -6.41
C SER B 31 -11.03 0.85 -7.32
N VAL B 32 -11.52 2.07 -7.43
CA VAL B 32 -10.95 3.04 -8.36
C VAL B 32 -9.49 3.31 -8.03
N PHE B 33 -9.19 3.56 -6.73
CA PHE B 33 -7.82 3.85 -6.30
C PHE B 33 -6.87 2.70 -6.59
N ILE B 34 -7.29 1.46 -6.33
CA ILE B 34 -6.43 0.31 -6.54
C ILE B 34 -6.12 0.15 -8.03
N GLY B 35 -7.14 0.24 -8.88
CA GLY B 35 -6.91 0.12 -10.30
C GLY B 35 -6.00 1.21 -10.84
N ARG B 36 -6.23 2.45 -10.38
CA ARG B 36 -5.37 3.57 -10.76
C ARG B 36 -3.93 3.37 -10.27
N LEU B 37 -3.77 2.85 -9.05
CA LEU B 37 -2.43 2.59 -8.54
C LEU B 37 -1.71 1.51 -9.35
N ILE B 38 -2.42 0.44 -9.69
CA ILE B 38 -1.83 -0.63 -10.50
C ILE B 38 -1.38 -0.08 -11.87
N GLU B 39 -2.26 0.68 -12.53
CA GLU B 39 -1.91 1.25 -13.83
C GLU B 39 -0.64 2.09 -13.76
N HIS B 40 -0.53 2.92 -12.71
CA HIS B 40 0.60 3.84 -12.60
C HIS B 40 1.89 3.12 -12.23
N MET B 41 1.80 2.12 -11.35
CA MET B 41 2.97 1.31 -11.02
C MET B 41 3.49 0.58 -12.26
N GLN B 42 2.59 0.05 -13.08
CA GLN B 42 3.01 -0.65 -14.29
C GLN B 42 3.74 0.29 -15.23
N GLU B 43 3.25 1.52 -15.34
CA GLU B 43 3.81 2.43 -16.33
C GLU B 43 5.08 3.10 -15.83
N TYR B 44 5.15 3.40 -14.53
CA TYR B 44 6.16 4.30 -13.99
C TYR B 44 7.16 3.67 -13.01
N ALA B 45 6.96 2.42 -12.56
CA ALA B 45 7.96 1.83 -11.68
C ALA B 45 9.34 1.82 -12.33
N CYS B 46 9.40 1.72 -13.65
CA CYS B 46 10.69 1.65 -14.32
C CYS B 46 11.45 2.97 -14.28
N SER B 47 10.77 4.11 -14.08
CA SER B 47 11.45 5.39 -14.24
C SER B 47 11.29 6.35 -13.08
N CYS B 48 10.35 6.12 -12.15
CA CYS B 48 10.07 7.06 -11.07
C CYS B 48 10.13 6.36 -9.73
N ASP B 49 10.52 7.10 -8.70
CA ASP B 49 10.50 6.53 -7.37
C ASP B 49 9.06 6.50 -6.83
N VAL B 50 8.88 5.77 -5.73
CA VAL B 50 7.53 5.49 -5.23
C VAL B 50 6.80 6.77 -4.83
N GLU B 51 7.49 7.73 -4.21
CA GLU B 51 6.83 9.00 -3.85
C GLU B 51 6.34 9.75 -5.09
N GLU B 52 7.13 9.73 -6.16
CA GLU B 52 6.72 10.39 -7.39
C GLU B 52 5.57 9.66 -8.07
N ILE B 53 5.58 8.32 -8.05
CA ILE B 53 4.47 7.56 -8.61
C ILE B 53 3.17 7.91 -7.87
N PHE B 54 3.23 7.95 -6.54
CA PHE B 54 2.03 8.28 -5.77
C PHE B 54 1.54 9.68 -6.08
N ARG B 55 2.44 10.62 -6.32
N ARG B 55 2.45 10.64 -6.31
CA ARG B 55 2.02 11.96 -6.71
CA ARG B 55 2.01 11.97 -6.71
C ARG B 55 1.30 11.96 -8.05
C ARG B 55 1.26 11.91 -8.05
N LYS B 56 1.78 11.13 -9.00
CA LYS B 56 1.11 11.04 -10.29
C LYS B 56 -0.28 10.43 -10.14
N VAL B 57 -0.42 9.46 -9.24
CA VAL B 57 -1.73 8.89 -8.93
C VAL B 57 -2.66 9.98 -8.41
N ARG B 58 -2.20 10.80 -7.46
CA ARG B 58 -3.02 11.92 -6.98
C ARG B 58 -3.41 12.84 -8.13
N PHE B 59 -2.46 13.13 -9.03
CA PHE B 59 -2.77 14.02 -10.14
C PHE B 59 -3.88 13.48 -11.04
N SER B 60 -3.91 12.15 -11.24
CA SER B 60 -4.94 11.53 -12.08
C SER B 60 -6.34 11.69 -11.52
N PHE B 61 -6.46 11.97 -10.21
CA PHE B 61 -7.75 12.22 -9.56
C PHE B 61 -8.13 13.70 -9.52
N GLU B 62 -7.30 14.59 -10.09
CA GLU B 62 -7.44 16.02 -9.84
C GLU B 62 -8.81 16.56 -10.23
N GLN B 63 -9.39 16.06 -11.31
CA GLN B 63 -10.71 16.53 -11.73
C GLN B 63 -11.79 15.66 -11.11
N PRO B 64 -12.66 16.20 -10.28
CA PRO B 64 -13.81 15.42 -9.80
C PRO B 64 -14.71 15.01 -10.97
N ASP B 65 -15.33 13.84 -10.83
CA ASP B 65 -16.09 13.25 -11.93
C ASP B 65 -17.35 12.58 -11.41
N GLY B 66 -18.06 13.21 -10.48
CA GLY B 66 -19.24 12.61 -9.91
C GLY B 66 -18.94 11.80 -8.66
N ARG B 67 -17.80 11.12 -8.66
CA ARG B 67 -17.32 10.36 -7.51
C ARG B 67 -15.92 10.85 -7.14
N ALA B 68 -15.86 12.09 -6.68
CA ALA B 68 -14.56 12.69 -6.36
C ALA B 68 -13.88 11.97 -5.20
N GLN B 69 -12.57 11.78 -5.33
CA GLN B 69 -11.76 11.34 -4.22
C GLN B 69 -10.33 11.75 -4.50
N MET B 70 -9.58 11.97 -3.42
CA MET B 70 -8.21 12.48 -3.51
C MET B 70 -7.31 11.61 -2.63
N PRO B 71 -6.59 10.66 -3.21
CA PRO B 71 -5.66 9.86 -2.40
C PRO B 71 -4.63 10.73 -1.72
N THR B 72 -4.20 10.31 -0.53
CA THR B 72 -3.34 11.13 0.33
C THR B 72 -2.17 10.30 0.81
N THR B 73 -0.96 10.84 0.71
CA THR B 73 0.22 10.20 1.29
C THR B 73 0.38 10.62 2.73
N GLU B 74 0.65 9.67 3.63
CA GLU B 74 0.64 9.92 5.07
C GLU B 74 1.91 9.41 5.73
N ARG B 75 2.32 10.11 6.80
CA ARG B 75 3.31 9.62 7.77
C ARG B 75 4.60 9.16 7.09
N VAL B 76 5.19 10.06 6.31
CA VAL B 76 6.32 9.69 5.45
C VAL B 76 7.63 9.92 6.18
N THR B 77 8.41 8.84 6.35
CA THR B 77 9.77 8.93 6.86
C THR B 77 10.78 8.28 5.93
N LEU B 78 10.46 8.16 4.64
CA LEU B 78 11.49 7.76 3.69
C LEU B 78 12.61 8.80 3.66
N THR B 79 13.85 8.34 3.82
CA THR B 79 14.99 9.26 3.80
C THR B 79 15.72 9.22 2.48
N ARG B 80 15.36 8.29 1.61
CA ARG B 80 15.97 8.11 0.29
C ARG B 80 14.84 7.91 -0.71
N CYS B 81 15.20 7.96 -1.99
CA CYS B 81 14.28 7.57 -3.05
C CYS B 81 14.16 6.06 -3.10
N PHE B 82 12.92 5.55 -3.17
CA PHE B 82 12.68 4.10 -3.30
C PHE B 82 12.35 3.84 -4.75
N TYR B 83 13.34 3.36 -5.50
CA TYR B 83 13.14 2.90 -6.87
C TYR B 83 12.99 1.38 -6.85
N LEU B 84 12.02 0.88 -7.60
CA LEU B 84 11.74 -0.56 -7.60
C LEU B 84 12.60 -1.34 -8.59
N PHE B 85 13.21 -0.66 -9.57
CA PHE B 85 14.07 -1.26 -10.58
C PHE B 85 13.48 -2.56 -11.14
N PRO B 86 12.26 -2.51 -11.69
CA PRO B 86 11.63 -3.74 -12.20
C PRO B 86 12.49 -4.40 -13.27
N GLY B 87 12.67 -5.72 -13.13
CA GLY B 87 13.58 -6.49 -13.95
C GLY B 87 14.90 -6.80 -13.29
N HIS B 88 15.23 -6.09 -12.23
CA HIS B 88 16.48 -6.27 -11.51
C HIS B 88 16.24 -6.66 -10.05
C ACE C 1 -22.35 1.16 -9.05
O ACE C 1 -23.21 1.04 -9.85
CH3 ACE C 1 -22.09 0.01 -8.09
N PHE C 2 -21.61 2.27 -8.96
CA PHE C 2 -20.54 2.51 -8.00
C PHE C 2 -21.04 2.60 -6.56
N LEU C 3 -20.22 2.11 -5.64
CA LEU C 3 -20.51 2.15 -4.21
C LEU C 3 -19.29 2.68 -3.47
N THR C 4 -19.52 3.13 -2.23
CA THR C 4 -18.45 3.62 -1.38
C THR C 4 -18.01 2.53 -0.42
N ASP C 5 -16.76 2.66 0.04
CA ASP C 5 -16.23 1.76 1.07
C ASP C 5 -16.43 2.36 2.46
C1 0QE C 6 -17.11 3.70 2.67
C1 PEG D . 19.96 -2.26 -8.81
O1 PEG D . 20.96 -1.28 -8.91
C2 PEG D . 20.56 -3.66 -8.83
O2 PEG D . 21.43 -3.82 -7.75
C3 PEG D . 21.79 -5.15 -7.50
C4 PEG D . 22.59 -5.23 -6.19
O4 PEG D . 23.74 -4.43 -6.27
C1 PEG E . -2.53 -3.66 17.35
O1 PEG E . -1.46 -3.71 18.25
C2 PEG E . -3.88 -3.61 18.06
O2 PEG E . -4.80 -2.91 17.27
C3 PEG E . -5.15 -1.65 17.76
C4 PEG E . -5.96 -0.91 16.69
O4 PEG E . -5.98 0.46 16.97
#